data_7IB5
#
_entry.id   7IB5
#
_cell.length_a   60.440
_cell.length_b   60.440
_cell.length_c   215.160
_cell.angle_alpha   90.00
_cell.angle_beta   90.00
_cell.angle_gamma   90.00
#
_symmetry.space_group_name_H-M   'P 43 21 2'
#
loop_
_entity.id
_entity.type
_entity.pdbx_description
1 polymer 'NS2B co-factor'
2 polymer 'NS3 protease'
3 non-polymer N-(2-fluorophenyl)piperidin-4-amine
4 water water
#
loop_
_entity_poly.entity_id
_entity_poly.type
_entity_poly.pdbx_seq_one_letter_code
_entity_poly.pdbx_strand_id
1 'polypeptide(L)' MTGKSVDMYIERAGDITWEKDAEVTGNSPRLDVALDESGDFSLVEEDGPPMRE A,C
2 'polypeptide(L)'
;GALWDVPAPKEVKKGETTDGVYRVMTRRLLGSTQVGVGVMQEGVFHTMWHVTKGAALRSGEGRLDPYWGDVKQDLVSYCG
PWKLDAAWDGLSEVQLLAVPPGERAKNIQTLPGIFKTKDGDIGAVALDYPAGTSGSPILDKSGRVIGLYGNGVVIKNGSY
VSAITQGKREEETPVE
;
B,D
#
# COMPACT_ATOMS: atom_id res chain seq x y z
N VAL A 6 -12.39 -12.99 16.24
CA VAL A 6 -11.62 -11.87 15.70
C VAL A 6 -11.06 -11.03 16.82
N ASP A 7 -9.73 -11.05 17.01
CA ASP A 7 -9.10 -10.18 17.99
C ASP A 7 -8.16 -9.21 17.28
N MET A 8 -8.19 -7.99 17.78
CA MET A 8 -7.46 -6.86 17.25
C MET A 8 -6.35 -6.54 18.24
N TYR A 9 -5.16 -6.19 17.74
CA TYR A 9 -4.01 -5.97 18.59
C TYR A 9 -3.15 -4.87 17.99
N ILE A 10 -2.27 -4.28 18.81
CA ILE A 10 -1.46 -3.14 18.37
C ILE A 10 0.02 -3.49 18.44
N GLU A 11 0.78 -2.92 17.50
CA GLU A 11 2.23 -3.08 17.42
C GLU A 11 2.88 -1.71 17.24
N ARG A 12 3.88 -1.40 18.07
CA ARG A 12 4.52 -0.10 17.96
C ARG A 12 5.29 -0.01 16.64
N ALA A 13 5.16 1.14 15.98
CA ALA A 13 5.82 1.37 14.70
C ALA A 13 6.76 2.57 14.67
N GLY A 14 6.72 3.46 15.65
CA GLY A 14 7.64 4.57 15.65
C GLY A 14 7.32 5.62 16.70
N ASP A 15 8.27 6.55 16.83
CA ASP A 15 8.11 7.78 17.61
C ASP A 15 7.26 8.78 16.81
N ILE A 16 6.59 9.69 17.51
CA ILE A 16 5.90 10.79 16.85
C ILE A 16 6.89 11.94 16.78
N THR A 17 7.51 12.12 15.60
N THR A 17 7.51 12.11 15.61
CA THR A 17 8.57 13.09 15.43
CA THR A 17 8.52 13.14 15.43
C THR A 17 8.48 13.67 14.03
C THR A 17 8.43 13.69 14.02
N TRP A 18 8.75 14.97 13.92
CA TRP A 18 8.96 15.62 12.64
C TRP A 18 10.30 15.19 12.08
N GLU A 19 10.38 15.06 10.74
CA GLU A 19 11.61 14.65 10.07
C GLU A 19 12.06 15.74 9.09
N LYS A 20 13.29 16.21 9.27
CA LYS A 20 13.78 17.28 8.40
C LYS A 20 13.93 16.82 6.95
N ASP A 21 14.31 15.57 6.74
CA ASP A 21 14.56 15.05 5.38
C ASP A 21 13.33 14.42 4.76
N ALA A 22 12.15 14.99 4.97
CA ALA A 22 10.92 14.39 4.48
C ALA A 22 10.67 14.70 3.01
N GLU A 23 10.21 13.68 2.30
CA GLU A 23 9.61 13.84 0.98
C GLU A 23 8.44 14.82 1.06
N VAL A 24 8.27 15.61 0.00
CA VAL A 24 7.31 16.71 -0.04
C VAL A 24 6.43 16.55 -1.27
N THR A 25 5.12 16.35 -1.06
CA THR A 25 4.26 16.12 -2.21
C THR A 25 2.82 16.47 -1.86
N GLY A 26 2.02 16.57 -2.90
CA GLY A 26 0.58 16.76 -2.77
C GLY A 26 0.17 18.20 -2.99
N ASN A 27 -1.03 18.38 -3.54
N ASN A 27 -1.06 18.36 -3.48
CA ASN A 27 -1.55 19.72 -3.76
CA ASN A 27 -1.69 19.65 -3.73
C ASN A 27 -2.44 20.13 -2.59
C ASN A 27 -2.37 20.17 -2.46
N SER A 28 -3.01 21.33 -2.69
N SER A 28 -3.04 21.31 -2.59
CA SER A 28 -3.69 21.98 -1.57
CA SER A 28 -3.73 21.97 -1.47
C SER A 28 -5.05 22.50 -2.02
C SER A 28 -5.07 22.49 -1.95
N PRO A 29 -5.98 21.59 -2.32
CA PRO A 29 -7.27 22.01 -2.86
C PRO A 29 -8.15 22.68 -1.81
N ARG A 30 -8.96 23.64 -2.26
CA ARG A 30 -10.01 24.27 -1.46
C ARG A 30 -11.36 23.74 -1.93
N LEU A 31 -12.06 23.05 -1.04
CA LEU A 31 -13.28 22.33 -1.37
C LEU A 31 -14.40 22.75 -0.43
N ASP A 32 -15.59 22.96 -0.97
CA ASP A 32 -16.80 23.09 -0.16
C ASP A 32 -17.35 21.70 0.16
N VAL A 33 -17.56 21.40 1.45
CA VAL A 33 -18.04 20.08 1.83
C VAL A 33 -19.10 20.18 2.92
N ALA A 34 -19.88 19.12 3.02
CA ALA A 34 -20.84 18.92 4.09
C ALA A 34 -20.52 17.62 4.82
N LEU A 35 -20.79 17.59 6.13
CA LEU A 35 -20.53 16.44 6.98
C LEU A 35 -21.86 15.98 7.57
N ASP A 36 -22.25 14.74 7.26
CA ASP A 36 -23.55 14.25 7.68
C ASP A 36 -23.42 13.44 8.98
N GLU A 37 -24.57 12.92 9.42
CA GLU A 37 -24.65 12.37 10.75
C GLU A 37 -23.80 11.12 10.89
N SER A 38 -23.61 10.39 9.79
CA SER A 38 -22.81 9.18 9.81
C SER A 38 -21.31 9.45 9.68
N GLY A 39 -20.88 10.71 9.73
CA GLY A 39 -19.47 11.02 9.63
C GLY A 39 -18.96 11.10 8.22
N ASP A 40 -19.84 11.07 7.22
CA ASP A 40 -19.42 11.07 5.83
C ASP A 40 -19.36 12.50 5.30
N PHE A 41 -18.22 12.88 4.74
CA PHE A 41 -18.08 14.11 4.00
C PHE A 41 -18.59 13.94 2.57
N SER A 42 -19.23 14.98 2.05
CA SER A 42 -19.61 15.01 0.65
C SER A 42 -19.36 16.41 0.10
N LEU A 43 -19.09 16.48 -1.21
CA LEU A 43 -18.94 17.77 -1.86
C LEU A 43 -20.26 18.53 -1.92
N VAL A 44 -20.15 19.86 -1.89
CA VAL A 44 -21.27 20.77 -2.05
C VAL A 44 -20.98 21.74 -3.18
N GLU A 45 -22.01 22.04 -3.97
CA GLU A 45 -21.95 23.09 -5.00
C GLU A 45 -23.14 24.04 -4.83
N THR B 17 1.65 0.65 26.03
CA THR B 17 1.33 1.84 26.83
C THR B 17 2.32 2.99 26.54
N THR B 18 3.46 2.64 25.94
CA THR B 18 4.49 3.60 25.59
C THR B 18 4.04 4.57 24.48
N ASP B 19 4.40 5.84 24.63
CA ASP B 19 4.05 6.84 23.63
C ASP B 19 4.56 6.38 22.28
N GLY B 20 3.76 6.59 21.24
CA GLY B 20 4.23 6.36 19.89
C GLY B 20 3.09 6.12 18.92
N VAL B 21 3.47 5.87 17.66
CA VAL B 21 2.51 5.51 16.63
C VAL B 21 2.51 3.99 16.51
N TYR B 22 1.33 3.42 16.36
CA TYR B 22 1.13 1.98 16.37
C TYR B 22 0.30 1.52 15.18
N ARG B 23 0.62 0.30 14.68
CA ARG B 23 -0.27 -0.43 13.79
C ARG B 23 -1.40 -1.09 14.55
N VAL B 24 -2.58 -1.08 13.94
CA VAL B 24 -3.74 -1.80 14.43
C VAL B 24 -3.95 -3.00 13.51
N MET B 25 -3.76 -4.21 14.07
CA MET B 25 -3.73 -5.47 13.36
C MET B 25 -4.96 -6.32 13.74
N THR B 26 -5.35 -7.20 12.84
CA THR B 26 -6.43 -8.14 13.11
C THR B 26 -6.10 -9.52 12.55
N ARG B 27 -6.54 -10.55 13.28
CA ARG B 27 -6.41 -11.93 12.83
C ARG B 27 -7.77 -12.57 12.52
N LEU B 30 -7.14 -16.91 9.77
CA LEU B 30 -6.10 -17.23 8.81
C LEU B 30 -5.35 -15.98 8.36
N GLY B 31 -4.23 -15.68 9.02
CA GLY B 31 -3.38 -14.58 8.62
C GLY B 31 -3.74 -13.28 9.31
N SER B 32 -2.76 -12.39 9.35
CA SER B 32 -2.92 -11.07 9.95
C SER B 32 -2.97 -10.04 8.84
N THR B 33 -3.71 -8.98 9.10
CA THR B 33 -3.76 -7.83 8.21
C THR B 33 -3.80 -6.59 9.07
N GLN B 34 -3.31 -5.52 8.51
CA GLN B 34 -3.30 -4.22 9.17
C GLN B 34 -4.57 -3.47 8.75
N VAL B 35 -5.43 -3.17 9.73
CA VAL B 35 -6.66 -2.44 9.45
C VAL B 35 -6.52 -0.95 9.70
N GLY B 36 -5.48 -0.51 10.41
CA GLY B 36 -5.30 0.92 10.64
C GLY B 36 -4.09 1.19 11.51
N VAL B 37 -4.10 2.40 12.09
CA VAL B 37 -3.00 3.03 12.82
C VAL B 37 -3.60 3.83 13.95
N GLY B 38 -2.84 4.07 15.01
CA GLY B 38 -3.25 4.99 16.06
C GLY B 38 -2.07 5.57 16.81
N VAL B 39 -2.39 6.47 17.75
CA VAL B 39 -1.43 7.27 18.50
C VAL B 39 -1.64 6.97 19.99
N MET B 40 -0.55 6.54 20.65
CA MET B 40 -0.47 6.49 22.11
C MET B 40 0.14 7.79 22.63
N GLN B 41 -0.58 8.46 23.51
CA GLN B 41 -0.06 9.67 24.14
C GLN B 41 -0.75 9.83 25.49
N GLU B 42 0.04 10.13 26.52
CA GLU B 42 -0.46 10.33 27.88
C GLU B 42 -1.33 9.14 28.33
N GLY B 43 -0.90 7.93 27.96
CA GLY B 43 -1.59 6.74 28.42
C GLY B 43 -2.90 6.43 27.75
N VAL B 44 -3.23 7.11 26.66
CA VAL B 44 -4.48 6.95 25.94
C VAL B 44 -4.18 6.62 24.49
N PHE B 45 -4.92 5.67 23.93
CA PHE B 45 -4.77 5.27 22.53
C PHE B 45 -5.86 5.92 21.71
N HIS B 46 -5.45 6.62 20.65
CA HIS B 46 -6.31 7.40 19.76
C HIS B 46 -6.33 6.78 18.37
N THR B 47 -7.52 6.51 17.83
CA THR B 47 -7.62 6.05 16.44
C THR B 47 -8.96 6.50 15.86
N MET B 48 -9.26 6.06 14.65
CA MET B 48 -10.51 6.41 14.01
C MET B 48 -11.56 5.33 14.22
N TRP B 49 -12.81 5.75 14.44
CA TRP B 49 -13.88 4.81 14.69
C TRP B 49 -13.97 3.74 13.61
N HIS B 50 -13.89 4.13 12.33
CA HIS B 50 -14.06 3.17 11.23
C HIS B 50 -12.96 2.11 11.22
N VAL B 51 -11.85 2.33 11.94
CA VAL B 51 -10.78 1.32 12.00
C VAL B 51 -11.18 0.17 12.92
N THR B 52 -11.58 0.47 14.16
CA THR B 52 -11.86 -0.55 15.15
C THR B 52 -13.33 -0.79 15.44
N LYS B 53 -14.20 0.17 15.11
CA LYS B 53 -15.61 0.13 15.49
C LYS B 53 -15.75 -0.06 17.00
N GLY B 54 -14.80 0.46 17.76
CA GLY B 54 -14.85 0.41 19.21
C GLY B 54 -14.39 -0.89 19.84
N ALA B 55 -13.95 -1.87 19.06
CA ALA B 55 -13.53 -3.14 19.63
C ALA B 55 -12.39 -2.96 20.62
N ALA B 56 -12.37 -3.80 21.66
CA ALA B 56 -11.22 -3.81 22.54
C ALA B 56 -9.97 -4.23 21.78
N LEU B 57 -8.82 -3.76 22.26
CA LEU B 57 -7.54 -3.98 21.61
C LEU B 57 -6.58 -4.68 22.55
N ARG B 58 -5.85 -5.65 22.02
CA ARG B 58 -4.83 -6.32 22.79
C ARG B 58 -3.52 -5.58 22.61
N SER B 59 -2.79 -5.43 23.71
CA SER B 59 -1.45 -4.81 23.73
C SER B 59 -0.60 -5.70 24.63
N GLY B 60 0.10 -6.63 24.01
CA GLY B 60 0.87 -7.57 24.80
C GLY B 60 -0.07 -8.53 25.49
N GLU B 61 0.09 -8.66 26.80
CA GLU B 61 -0.83 -9.44 27.62
C GLU B 61 -1.95 -8.58 28.19
N GLY B 62 -1.94 -7.28 27.91
CA GLY B 62 -2.96 -6.38 28.40
C GLY B 62 -4.07 -6.17 27.38
N ARG B 63 -5.14 -5.57 27.86
CA ARG B 63 -6.29 -5.25 27.03
C ARG B 63 -6.60 -3.77 27.17
N LEU B 64 -6.88 -3.12 26.06
CA LEU B 64 -7.26 -1.70 26.06
C LEU B 64 -8.74 -1.61 25.77
N ASP B 65 -9.50 -0.94 26.69
CA ASP B 65 -10.94 -0.83 26.46
C ASP B 65 -11.32 0.57 25.98
N PRO B 66 -12.33 0.66 25.12
CA PRO B 66 -12.77 1.98 24.66
C PRO B 66 -13.33 2.80 25.82
N TYR B 67 -13.11 4.09 25.73
CA TYR B 67 -13.47 5.06 26.76
C TYR B 67 -14.38 6.15 26.25
N TRP B 68 -14.16 6.61 25.02
CA TRP B 68 -14.96 7.66 24.40
C TRP B 68 -14.98 7.40 22.88
N GLY B 69 -16.09 7.68 22.24
CA GLY B 69 -16.10 7.62 20.79
C GLY B 69 -17.28 8.34 20.20
N ASP B 70 -17.15 8.68 18.90
CA ASP B 70 -18.15 9.51 18.21
C ASP B 70 -18.10 9.21 16.71
N VAL B 71 -19.21 8.70 16.18
CA VAL B 71 -19.26 8.28 14.78
C VAL B 71 -19.16 9.48 13.86
N LYS B 72 -19.79 10.59 14.23
CA LYS B 72 -19.74 11.75 13.34
C LYS B 72 -18.33 12.31 13.23
N GLN B 73 -17.56 12.37 14.32
CA GLN B 73 -16.17 12.77 14.21
C GLN B 73 -15.29 11.66 13.69
N ASP B 74 -15.80 10.42 13.68
CA ASP B 74 -15.03 9.22 13.28
C ASP B 74 -13.79 8.99 14.14
N LEU B 75 -13.94 9.13 15.47
CA LEU B 75 -12.84 9.04 16.43
C LEU B 75 -13.23 8.18 17.61
N VAL B 76 -12.20 7.57 18.22
CA VAL B 76 -12.37 6.72 19.41
C VAL B 76 -11.07 6.83 20.22
N SER B 77 -11.22 6.88 21.54
CA SER B 77 -10.09 6.80 22.46
C SER B 77 -10.26 5.63 23.41
N TYR B 78 -9.13 5.08 23.83
CA TYR B 78 -9.04 3.92 24.70
C TYR B 78 -8.27 4.31 25.95
N CYS B 79 -8.72 3.84 27.12
CA CYS B 79 -8.07 3.94 28.42
C CYS B 79 -8.27 5.27 29.11
N GLY B 80 -8.79 6.27 28.42
CA GLY B 80 -8.99 7.59 28.97
C GLY B 80 -9.53 8.50 27.90
N PRO B 81 -9.74 9.76 28.24
CA PRO B 81 -10.32 10.71 27.29
C PRO B 81 -9.32 11.19 26.24
N TRP B 82 -9.88 11.68 25.12
CA TRP B 82 -9.07 12.18 24.01
C TRP B 82 -8.11 13.26 24.49
N LYS B 83 -6.81 13.08 24.18
CA LYS B 83 -5.75 13.95 24.68
C LYS B 83 -5.16 14.92 23.66
N LEU B 84 -5.37 14.70 22.38
CA LEU B 84 -4.70 15.48 21.34
C LEU B 84 -5.47 16.75 21.05
N ASP B 85 -4.81 17.92 21.13
CA ASP B 85 -5.51 19.17 20.95
C ASP B 85 -4.84 20.18 20.03
N ALA B 86 -3.64 19.93 19.53
CA ALA B 86 -3.03 20.89 18.62
C ALA B 86 -3.85 21.00 17.34
N ALA B 87 -3.75 22.15 16.68
CA ALA B 87 -4.51 22.42 15.46
C ALA B 87 -3.62 23.04 14.39
N TRP B 88 -3.92 22.71 13.13
CA TRP B 88 -3.20 23.31 12.02
C TRP B 88 -3.32 24.84 12.10
N ASP B 89 -2.21 25.51 11.82
CA ASP B 89 -2.17 26.97 11.92
C ASP B 89 -2.71 27.66 10.67
N GLY B 90 -3.07 26.92 9.64
CA GLY B 90 -3.68 27.45 8.43
C GLY B 90 -2.70 28.01 7.41
N LEU B 91 -1.39 28.01 7.69
CA LEU B 91 -0.43 28.55 6.74
C LEU B 91 0.75 27.64 6.47
N SER B 92 1.13 26.82 7.45
CA SER B 92 2.38 26.09 7.39
C SER B 92 2.22 24.68 6.81
N GLU B 93 3.32 24.17 6.26
CA GLU B 93 3.35 22.77 5.88
C GLU B 93 3.29 21.88 7.12
N VAL B 94 2.77 20.68 6.91
CA VAL B 94 2.57 19.68 7.96
C VAL B 94 3.25 18.40 7.50
N GLN B 95 3.29 17.39 8.36
CA GLN B 95 3.78 16.07 7.94
C GLN B 95 2.76 15.00 8.31
N LEU B 96 2.41 14.18 7.33
CA LEU B 96 1.74 12.93 7.58
C LEU B 96 2.78 11.90 8.00
N LEU B 97 2.65 11.34 9.21
CA LEU B 97 3.48 10.21 9.65
C LEU B 97 2.73 8.95 9.26
N ALA B 98 2.90 8.58 7.99
CA ALA B 98 2.18 7.46 7.43
C ALA B 98 2.79 6.16 7.90
N VAL B 99 1.95 5.21 8.27
CA VAL B 99 2.40 3.87 8.61
C VAL B 99 1.66 2.88 7.71
N PRO B 100 2.07 2.72 6.46
CA PRO B 100 1.36 1.82 5.56
C PRO B 100 1.58 0.37 5.94
N PRO B 101 0.64 -0.52 5.64
CA PRO B 101 0.88 -1.94 5.84
C PRO B 101 2.17 -2.41 5.18
N GLY B 102 2.96 -3.20 5.91
CA GLY B 102 4.21 -3.73 5.40
C GLY B 102 5.35 -2.75 5.20
N GLU B 103 5.23 -1.50 5.63
CA GLU B 103 6.24 -0.49 5.39
C GLU B 103 6.59 0.25 6.67
N ARG B 104 7.86 0.64 6.74
CA ARG B 104 8.33 1.41 7.89
C ARG B 104 7.59 2.75 7.97
N ALA B 105 7.37 3.22 9.20
CA ALA B 105 6.80 4.55 9.38
C ALA B 105 7.63 5.58 8.61
N LYS B 106 6.94 6.47 7.90
CA LYS B 106 7.60 7.47 7.06
C LYS B 106 6.85 8.79 7.09
N ASN B 107 7.59 9.90 6.99
CA ASN B 107 7.04 11.24 7.05
C ASN B 107 6.88 11.80 5.64
N ILE B 108 5.70 12.32 5.34
CA ILE B 108 5.38 12.94 4.06
C ILE B 108 4.96 14.39 4.35
N GLN B 109 5.71 15.34 3.84
CA GLN B 109 5.42 16.76 4.08
C GLN B 109 4.50 17.30 2.99
N THR B 110 3.59 18.20 3.37
CA THR B 110 2.61 18.74 2.43
C THR B 110 2.04 20.04 3.00
N LEU B 111 1.57 20.92 2.10
CA LEU B 111 0.75 22.05 2.53
C LEU B 111 -0.72 21.62 2.46
N PRO B 112 -1.45 21.60 3.57
CA PRO B 112 -2.87 21.23 3.50
C PRO B 112 -3.68 22.20 2.63
N GLY B 113 -4.69 21.65 1.96
CA GLY B 113 -5.81 22.43 1.46
C GLY B 113 -6.85 22.60 2.57
N ILE B 114 -8.09 22.91 2.17
CA ILE B 114 -9.14 23.32 3.10
C ILE B 114 -10.47 22.67 2.72
N PHE B 115 -11.12 22.04 3.70
CA PHE B 115 -12.55 21.74 3.64
C PHE B 115 -13.30 22.94 4.21
N LYS B 116 -14.08 23.62 3.38
CA LYS B 116 -14.93 24.72 3.84
C LYS B 116 -16.29 24.13 4.21
N THR B 117 -16.70 24.26 5.46
CA THR B 117 -17.99 23.74 5.88
C THR B 117 -18.79 24.85 6.52
N LYS B 118 -20.08 24.58 6.73
CA LYS B 118 -20.96 25.55 7.36
C LYS B 118 -20.54 25.84 8.79
N ASP B 119 -19.76 24.94 9.39
CA ASP B 119 -19.32 25.05 10.77
C ASP B 119 -17.86 25.44 10.89
N GLY B 120 -17.26 25.94 9.82
CA GLY B 120 -15.87 26.37 9.83
C GLY B 120 -14.99 25.56 8.89
N ASP B 121 -13.75 26.02 8.76
CA ASP B 121 -12.75 25.41 7.90
C ASP B 121 -11.96 24.34 8.64
N ILE B 122 -11.65 23.26 7.94
CA ILE B 122 -10.87 22.11 8.42
C ILE B 122 -9.73 21.91 7.43
N GLY B 123 -8.51 21.76 7.94
CA GLY B 123 -7.41 21.41 7.06
C GLY B 123 -7.64 20.06 6.40
N ALA B 124 -7.05 19.88 5.22
CA ALA B 124 -7.21 18.63 4.50
C ALA B 124 -5.93 18.32 3.75
N VAL B 125 -5.57 17.04 3.65
CA VAL B 125 -4.36 16.66 2.93
C VAL B 125 -4.73 15.81 1.72
N ALA B 126 -4.16 16.17 0.56
CA ALA B 126 -4.43 15.51 -0.72
C ALA B 126 -3.40 14.42 -0.96
N LEU B 127 -3.44 13.43 -0.08
CA LEU B 127 -2.51 12.30 -0.06
C LEU B 127 -3.33 11.02 -0.04
N ASP B 128 -2.90 10.02 -0.83
CA ASP B 128 -3.68 8.80 -1.04
C ASP B 128 -2.82 7.56 -0.73
N TYR B 129 -2.93 7.06 0.50
CA TYR B 129 -2.21 5.88 0.99
C TYR B 129 -3.18 4.71 1.23
N PRO B 130 -2.69 3.48 1.35
CA PRO B 130 -3.61 2.33 1.48
C PRO B 130 -4.53 2.44 2.68
N ALA B 131 -5.69 1.75 2.60
CA ALA B 131 -6.71 1.93 3.64
C ALA B 131 -6.19 1.64 5.05
N GLY B 132 -5.30 0.65 5.19
CA GLY B 132 -4.68 0.32 6.47
C GLY B 132 -3.84 1.42 7.08
N THR B 133 -3.68 2.54 6.36
CA THR B 133 -2.99 3.73 6.86
C THR B 133 -3.91 4.62 7.67
N SER B 134 -5.22 4.35 7.66
CA SER B 134 -6.18 5.19 8.41
C SER B 134 -5.84 5.20 9.88
N GLY B 135 -5.88 6.41 10.46
CA GLY B 135 -5.45 6.66 11.83
C GLY B 135 -4.05 7.20 11.97
N SER B 136 -3.29 7.26 10.87
CA SER B 136 -1.95 7.80 10.94
C SER B 136 -2.01 9.27 11.34
N PRO B 137 -1.09 9.73 12.18
CA PRO B 137 -1.13 11.11 12.64
C PRO B 137 -0.54 12.10 11.66
N ILE B 138 -1.11 13.30 11.66
CA ILE B 138 -0.60 14.46 10.96
C ILE B 138 0.01 15.36 12.01
N LEU B 139 1.22 15.86 11.75
CA LEU B 139 2.01 16.59 12.74
C LEU B 139 2.27 18.02 12.29
N ASP B 140 2.37 18.94 13.26
CA ASP B 140 2.92 20.25 12.97
C ASP B 140 4.45 20.27 13.20
N LYS B 141 5.06 21.42 12.93
CA LYS B 141 6.51 21.54 12.97
C LYS B 141 7.09 21.27 14.36
N SER B 142 6.31 21.43 15.41
CA SER B 142 6.75 21.11 16.78
C SER B 142 6.63 19.63 17.11
N GLY B 143 6.12 18.82 16.18
CA GLY B 143 5.91 17.42 16.43
C GLY B 143 4.62 17.08 17.13
N ARG B 144 3.70 18.04 17.29
CA ARG B 144 2.41 17.77 17.92
C ARG B 144 1.41 17.24 16.91
N VAL B 145 0.53 16.36 17.39
CA VAL B 145 -0.46 15.71 16.51
C VAL B 145 -1.63 16.68 16.35
N ILE B 146 -1.83 17.17 15.12
CA ILE B 146 -2.91 18.08 14.80
C ILE B 146 -4.14 17.36 14.25
N GLY B 147 -4.09 16.04 14.11
CA GLY B 147 -5.25 15.29 13.69
C GLY B 147 -4.83 13.96 13.13
N LEU B 148 -5.83 13.15 12.74
CA LEU B 148 -5.60 11.84 12.15
C LEU B 148 -6.08 11.77 10.71
N TYR B 149 -5.43 10.89 9.92
CA TYR B 149 -5.65 10.68 8.50
C TYR B 149 -6.62 9.54 8.24
N GLY B 150 -7.56 9.77 7.30
CA GLY B 150 -8.37 8.65 6.81
C GLY B 150 -9.88 8.81 6.76
N ASN B 151 -10.41 10.01 7.02
CA ASN B 151 -11.80 10.33 6.73
C ASN B 151 -11.82 11.51 5.77
N GLY B 152 -12.43 11.32 4.60
CA GLY B 152 -12.37 12.35 3.57
C GLY B 152 -13.36 12.22 2.44
N VAL B 153 -12.98 12.72 1.28
CA VAL B 153 -13.84 12.82 0.10
C VAL B 153 -12.99 12.56 -1.13
N VAL B 154 -13.65 12.24 -2.23
CA VAL B 154 -13.04 12.10 -3.54
C VAL B 154 -13.42 13.28 -4.43
N ILE B 155 -12.44 13.81 -5.14
CA ILE B 155 -12.70 14.90 -6.08
C ILE B 155 -12.47 14.50 -7.54
N SER B 159 -9.44 11.20 -7.03
CA SER B 159 -8.37 11.57 -6.09
C SER B 159 -8.86 11.84 -4.67
N TYR B 160 -8.30 11.12 -3.72
CA TYR B 160 -8.78 11.20 -2.35
C TYR B 160 -8.13 12.37 -1.63
N VAL B 161 -8.93 13.04 -0.81
CA VAL B 161 -8.47 14.11 0.08
C VAL B 161 -9.00 13.82 1.48
N SER B 162 -8.10 13.74 2.45
CA SER B 162 -8.43 13.41 3.84
C SER B 162 -8.59 14.70 4.64
N ALA B 163 -9.68 14.79 5.40
CA ALA B 163 -9.69 15.78 6.49
C ALA B 163 -8.50 15.53 7.42
N ILE B 164 -8.04 16.62 8.04
CA ILE B 164 -7.21 16.52 9.24
C ILE B 164 -8.19 16.47 10.41
N THR B 165 -8.51 15.26 10.89
CA THR B 165 -9.56 15.09 11.90
C THR B 165 -8.96 15.19 13.29
N GLN B 166 -9.41 16.18 14.08
CA GLN B 166 -8.96 16.35 15.45
C GLN B 166 -10.16 16.29 16.40
N GLY B 167 -9.93 15.73 17.59
CA GLY B 167 -10.95 15.66 18.62
C GLY B 167 -10.91 16.87 19.54
N LYS B 168 -11.61 16.76 20.67
CA LYS B 168 -11.65 17.82 21.66
C LYS B 168 -11.08 17.34 22.98
N ARG B 169 -10.21 18.14 23.58
CA ARG B 169 -9.60 17.85 24.86
C ARG B 169 -10.20 18.78 25.92
N ASP C 7 22.38 -16.78 -1.25
CA ASP C 7 21.83 -15.56 -0.65
C ASP C 7 20.30 -15.46 -0.66
N MET C 8 19.66 -15.85 -1.77
CA MET C 8 18.20 -15.79 -1.88
C MET C 8 17.63 -17.18 -2.09
N TYR C 9 16.40 -17.42 -1.56
CA TYR C 9 15.72 -18.70 -1.75
C TYR C 9 14.25 -18.41 -2.01
N ILE C 10 13.53 -19.40 -2.56
CA ILE C 10 12.12 -19.20 -2.87
C ILE C 10 11.29 -20.13 -1.99
N GLU C 11 10.10 -19.69 -1.61
CA GLU C 11 9.20 -20.54 -0.84
C GLU C 11 7.76 -20.29 -1.29
N ARG C 12 6.99 -21.38 -1.32
CA ARG C 12 5.69 -21.34 -1.98
C ARG C 12 4.76 -20.40 -1.23
N ALA C 13 3.94 -19.66 -1.99
CA ALA C 13 2.92 -18.80 -1.42
C ALA C 13 1.49 -19.12 -1.86
N GLY C 14 1.29 -19.88 -2.92
CA GLY C 14 -0.07 -20.21 -3.30
C GLY C 14 -0.13 -20.79 -4.70
N ASP C 15 -1.33 -21.30 -5.03
CA ASP C 15 -1.72 -21.61 -6.38
C ASP C 15 -2.07 -20.31 -7.12
N ILE C 16 -2.01 -20.34 -8.44
CA ILE C 16 -2.38 -19.17 -9.25
C ILE C 16 -3.78 -19.41 -9.82
N THR C 17 -4.76 -18.66 -9.30
CA THR C 17 -6.14 -18.80 -9.75
C THR C 17 -6.86 -17.46 -9.63
N TRP C 18 -7.85 -17.27 -10.48
CA TRP C 18 -8.82 -16.18 -10.34
C TRP C 18 -9.76 -16.50 -9.19
N GLU C 19 -10.06 -15.49 -8.36
CA GLU C 19 -11.01 -15.66 -7.25
C GLU C 19 -12.32 -14.96 -7.60
N LYS C 20 -13.41 -15.74 -7.63
CA LYS C 20 -14.69 -15.21 -8.08
C LYS C 20 -15.23 -14.11 -7.16
N ASP C 21 -14.93 -14.14 -5.87
CA ASP C 21 -15.54 -13.13 -5.01
C ASP C 21 -14.50 -12.16 -4.47
N ALA C 22 -13.66 -11.64 -5.38
CA ALA C 22 -12.60 -10.72 -5.00
C ALA C 22 -13.14 -9.30 -4.91
N GLU C 23 -12.58 -8.53 -3.97
CA GLU C 23 -12.90 -7.12 -3.87
C GLU C 23 -12.34 -6.40 -5.10
N VAL C 24 -13.13 -5.47 -5.63
CA VAL C 24 -12.74 -4.61 -6.74
C VAL C 24 -12.28 -3.29 -6.14
N THR C 25 -11.15 -2.77 -6.62
CA THR C 25 -10.67 -1.49 -6.15
C THR C 25 -9.68 -0.88 -7.12
N GLY C 26 -9.39 0.39 -6.92
CA GLY C 26 -8.49 1.13 -7.79
C GLY C 26 -9.21 1.83 -8.92
N ASN C 27 -8.59 2.93 -9.38
CA ASN C 27 -9.04 3.66 -10.56
C ASN C 27 -8.27 3.16 -11.79
N SER C 28 -8.42 3.86 -12.92
CA SER C 28 -7.88 3.43 -14.23
C SER C 28 -7.25 4.64 -14.91
N PRO C 29 -6.13 5.13 -14.37
CA PRO C 29 -5.54 6.37 -14.87
C PRO C 29 -4.88 6.21 -16.24
N ARG C 30 -4.92 7.27 -17.02
CA ARG C 30 -4.18 7.34 -18.29
C ARG C 30 -3.01 8.30 -18.07
N LEU C 31 -1.80 7.77 -18.07
CA LEU C 31 -0.63 8.52 -17.66
C LEU C 31 0.40 8.53 -18.79
N ASP C 32 0.96 9.70 -19.06
CA ASP C 32 2.08 9.83 -19.99
C ASP C 32 3.38 9.56 -19.25
N VAL C 33 4.12 8.54 -19.67
CA VAL C 33 5.33 8.12 -18.98
C VAL C 33 6.46 7.94 -19.99
N ALA C 34 7.68 7.92 -19.46
CA ALA C 34 8.87 7.57 -20.22
C ALA C 34 9.57 6.41 -19.53
N LEU C 35 10.17 5.54 -20.33
CA LEU C 35 10.92 4.38 -19.84
C LEU C 35 12.38 4.59 -20.24
N ASP C 36 13.27 4.65 -19.25
CA ASP C 36 14.66 4.95 -19.56
C ASP C 36 15.44 3.65 -19.75
N GLU C 37 16.69 3.77 -20.26
CA GLU C 37 17.44 2.56 -20.58
C GLU C 37 17.71 1.70 -19.35
N SER C 38 17.55 2.23 -18.13
CA SER C 38 17.72 1.41 -16.94
C SER C 38 16.44 0.68 -16.52
N GLY C 39 15.37 0.78 -17.30
CA GLY C 39 14.12 0.12 -16.93
C GLY C 39 13.28 0.87 -15.94
N ASP C 40 13.51 2.15 -15.77
CA ASP C 40 12.71 2.94 -14.83
C ASP C 40 11.71 3.79 -15.58
N PHE C 41 10.48 3.80 -15.08
CA PHE C 41 9.42 4.68 -15.54
C PHE C 41 9.48 6.02 -14.80
N SER C 42 9.17 7.09 -15.52
CA SER C 42 8.95 8.39 -14.91
C SER C 42 7.75 9.08 -15.57
N LEU C 43 7.16 10.03 -14.86
CA LEU C 43 6.09 10.83 -15.42
C LEU C 43 6.65 11.88 -16.35
N VAL C 44 5.98 12.14 -17.42
CA VAL C 44 6.42 13.15 -18.37
C VAL C 44 5.91 14.50 -17.92
N GLU C 45 6.75 15.53 -18.06
CA GLU C 45 6.36 16.88 -17.70
C GLU C 45 5.84 17.63 -18.93
N VAL D 12 8.48 -37.77 -6.51
CA VAL D 12 7.29 -37.39 -7.27
C VAL D 12 7.21 -38.21 -8.58
N LYS D 13 6.09 -38.04 -9.30
CA LYS D 13 5.91 -38.67 -10.59
C LYS D 13 6.73 -37.93 -11.64
N LYS D 14 7.12 -38.65 -12.69
CA LYS D 14 7.91 -38.02 -13.73
C LYS D 14 7.07 -36.96 -14.44
N GLY D 15 7.62 -35.73 -14.52
CA GLY D 15 6.97 -34.57 -15.08
C GLY D 15 6.18 -33.72 -14.10
N GLU D 16 6.14 -34.07 -12.82
CA GLU D 16 5.34 -33.34 -11.83
C GLU D 16 6.12 -32.13 -11.32
N THR D 17 5.98 -31.01 -12.03
CA THR D 17 6.63 -29.75 -11.68
C THR D 17 5.82 -29.00 -10.62
N THR D 18 6.36 -27.87 -10.15
CA THR D 18 5.88 -27.21 -8.96
C THR D 18 5.23 -25.85 -9.22
N ASP D 19 4.20 -25.81 -10.06
CA ASP D 19 3.57 -24.55 -10.46
C ASP D 19 3.02 -23.80 -9.25
N GLY D 20 3.14 -22.49 -9.28
CA GLY D 20 2.51 -21.64 -8.30
C GLY D 20 3.24 -20.32 -8.18
N VAL D 21 2.80 -19.53 -7.20
CA VAL D 21 3.42 -18.26 -6.87
C VAL D 21 4.28 -18.47 -5.64
N TYR D 22 5.44 -17.82 -5.61
CA TYR D 22 6.50 -18.03 -4.63
C TYR D 22 7.02 -16.69 -4.13
N ARG D 23 7.35 -16.64 -2.85
CA ARG D 23 8.08 -15.53 -2.25
C ARG D 23 9.57 -15.70 -2.54
N VAL D 24 10.25 -14.58 -2.80
CA VAL D 24 11.70 -14.52 -2.94
C VAL D 24 12.25 -13.91 -1.65
N MET D 25 13.02 -14.72 -0.91
CA MET D 25 13.44 -14.45 0.46
C MET D 25 14.95 -14.27 0.52
N THR D 26 15.44 -13.39 1.40
CA THR D 26 16.86 -13.39 1.75
C THR D 26 17.09 -14.32 2.93
N ARG D 27 18.33 -14.77 3.09
CA ARG D 27 18.59 -15.68 4.20
C ARG D 27 18.80 -14.89 5.49
N ARG D 28 18.81 -15.61 6.61
CA ARG D 28 18.80 -14.99 7.94
C ARG D 28 19.88 -13.92 8.10
N LEU D 29 20.95 -13.96 7.29
CA LEU D 29 22.02 -12.97 7.41
C LEU D 29 21.54 -11.55 7.12
N LEU D 30 20.54 -11.40 6.24
CA LEU D 30 20.07 -10.10 5.76
C LEU D 30 18.70 -9.74 6.31
N GLY D 31 18.29 -10.35 7.41
CA GLY D 31 17.01 -10.07 8.02
C GLY D 31 15.92 -11.07 7.69
N SER D 32 16.19 -12.03 6.79
CA SER D 32 15.15 -12.95 6.31
C SER D 32 13.97 -12.15 5.76
N THR D 33 14.29 -11.24 4.84
CA THR D 33 13.33 -10.29 4.28
C THR D 33 12.73 -10.89 3.00
N GLN D 34 11.45 -10.65 2.77
CA GLN D 34 10.89 -10.90 1.45
C GLN D 34 11.25 -9.73 0.54
N VAL D 35 12.08 -9.98 -0.49
CA VAL D 35 12.45 -8.92 -1.44
C VAL D 35 11.62 -8.96 -2.72
N GLY D 36 10.87 -10.03 -2.96
CA GLY D 36 10.00 -10.07 -4.12
C GLY D 36 9.22 -11.36 -4.16
N VAL D 37 8.70 -11.63 -5.35
CA VAL D 37 7.74 -12.69 -5.63
C VAL D 37 8.04 -13.15 -7.05
N GLY D 38 7.64 -14.37 -7.37
CA GLY D 38 7.69 -14.80 -8.76
C GLY D 38 6.73 -15.94 -9.03
N VAL D 39 6.70 -16.36 -10.30
CA VAL D 39 5.77 -17.35 -10.81
C VAL D 39 6.56 -18.56 -11.31
N MET D 40 6.23 -19.74 -10.79
CA MET D 40 6.79 -21.00 -11.30
C MET D 40 5.75 -21.56 -12.25
N GLN D 41 6.09 -21.64 -13.53
CA GLN D 41 5.18 -22.20 -14.51
C GLN D 41 5.97 -22.94 -15.57
N GLU D 42 5.59 -24.18 -15.83
CA GLU D 42 6.19 -25.00 -16.87
C GLU D 42 7.67 -25.18 -16.65
N GLY D 43 8.05 -25.35 -15.38
CA GLY D 43 9.43 -25.62 -15.01
C GLY D 43 10.33 -24.40 -14.98
N VAL D 44 9.79 -23.20 -15.15
CA VAL D 44 10.56 -21.96 -15.24
C VAL D 44 10.09 -21.01 -14.15
N PHE D 45 11.04 -20.30 -13.53
CA PHE D 45 10.72 -19.30 -12.53
C PHE D 45 10.84 -17.93 -13.17
N HIS D 46 9.77 -17.14 -13.05
CA HIS D 46 9.66 -15.82 -13.66
C HIS D 46 9.60 -14.76 -12.59
N THR D 47 10.48 -13.76 -12.64
CA THR D 47 10.39 -12.64 -11.69
C THR D 47 10.92 -11.36 -12.33
N MET D 48 10.97 -10.29 -11.54
CA MET D 48 11.46 -9.02 -12.05
C MET D 48 12.96 -8.84 -11.75
N TRP D 49 13.66 -8.24 -12.70
CA TRP D 49 15.11 -8.12 -12.56
C TRP D 49 15.47 -7.35 -11.29
N HIS D 50 14.74 -6.29 -10.96
CA HIS D 50 15.11 -5.50 -9.79
C HIS D 50 14.96 -6.27 -8.49
N VAL D 51 14.23 -7.39 -8.50
CA VAL D 51 14.13 -8.22 -7.29
C VAL D 51 15.43 -8.98 -7.03
N THR D 52 15.91 -9.74 -8.03
CA THR D 52 17.06 -10.61 -7.82
C THR D 52 18.37 -10.11 -8.41
N LYS D 53 18.31 -9.16 -9.34
CA LYS D 53 19.45 -8.74 -10.14
C LYS D 53 20.10 -9.92 -10.84
N GLY D 54 19.29 -10.92 -11.19
CA GLY D 54 19.78 -12.09 -11.89
C GLY D 54 20.58 -13.06 -11.06
N ALA D 55 20.65 -12.85 -9.74
CA ALA D 55 21.38 -13.75 -8.86
C ALA D 55 20.74 -15.14 -8.80
N ALA D 56 21.57 -16.16 -8.57
CA ALA D 56 21.06 -17.52 -8.42
C ALA D 56 20.20 -17.64 -7.17
N LEU D 57 19.26 -18.58 -7.21
CA LEU D 57 18.27 -18.78 -6.16
C LEU D 57 18.29 -20.22 -5.67
N ARG D 58 18.10 -20.41 -4.37
CA ARG D 58 17.96 -21.75 -3.79
C ARG D 58 16.48 -22.15 -3.79
N SER D 59 16.22 -23.41 -4.15
CA SER D 59 14.87 -23.99 -4.11
C SER D 59 15.00 -25.31 -3.35
N GLY D 60 14.79 -25.26 -2.05
CA GLY D 60 15.06 -26.43 -1.24
C GLY D 60 16.54 -26.71 -1.27
N GLU D 61 16.91 -27.88 -1.77
CA GLU D 61 18.32 -28.24 -1.92
C GLU D 61 18.85 -28.07 -3.34
N GLY D 62 18.02 -27.57 -4.27
CA GLY D 62 18.46 -27.30 -5.62
C GLY D 62 18.75 -25.83 -5.86
N ARG D 63 19.50 -25.55 -6.92
CA ARG D 63 19.82 -24.18 -7.31
C ARG D 63 19.11 -23.86 -8.64
N LEU D 64 18.60 -22.63 -8.74
CA LEU D 64 17.98 -22.10 -9.95
C LEU D 64 18.92 -21.08 -10.57
N ASP D 65 19.30 -21.29 -11.81
CA ASP D 65 20.21 -20.38 -12.50
C ASP D 65 19.47 -19.55 -13.56
N PRO D 66 19.84 -18.29 -13.74
CA PRO D 66 19.17 -17.46 -14.74
C PRO D 66 19.42 -17.99 -16.14
N TYR D 67 18.40 -17.84 -16.97
CA TYR D 67 18.42 -18.31 -18.34
C TYR D 67 18.16 -17.20 -19.37
N TRP D 68 17.38 -16.20 -19.03
CA TRP D 68 17.10 -15.08 -19.92
C TRP D 68 16.86 -13.86 -19.04
N GLY D 69 17.21 -12.69 -19.52
CA GLY D 69 16.83 -11.50 -18.77
C GLY D 69 17.07 -10.24 -19.56
N ASP D 70 16.42 -9.17 -19.13
CA ASP D 70 16.52 -7.89 -19.81
C ASP D 70 16.26 -6.78 -18.80
N VAL D 71 17.25 -5.92 -18.59
CA VAL D 71 17.13 -4.84 -17.61
C VAL D 71 16.03 -3.84 -17.98
N LYS D 72 15.90 -3.52 -19.27
CA LYS D 72 14.95 -2.48 -19.64
C LYS D 72 13.50 -2.96 -19.45
N GLN D 73 13.22 -4.21 -19.84
CA GLN D 73 11.95 -4.85 -19.53
C GLN D 73 11.78 -5.15 -18.04
N ASP D 74 12.88 -5.20 -17.28
CA ASP D 74 12.89 -5.49 -15.85
C ASP D 74 12.36 -6.89 -15.56
N LEU D 75 12.79 -7.87 -16.37
CA LEU D 75 12.35 -9.25 -16.23
C LEU D 75 13.52 -10.23 -16.27
N VAL D 76 13.34 -11.38 -15.61
CA VAL D 76 14.33 -12.46 -15.66
C VAL D 76 13.59 -13.78 -15.52
N SER D 77 14.07 -14.81 -16.24
CA SER D 77 13.59 -16.17 -16.12
C SER D 77 14.76 -17.08 -15.71
N TYR D 78 14.43 -18.11 -14.93
CA TYR D 78 15.35 -19.10 -14.41
C TYR D 78 14.93 -20.48 -14.91
N CYS D 79 15.92 -21.32 -15.24
CA CYS D 79 15.80 -22.73 -15.58
C CYS D 79 15.33 -22.95 -17.01
N GLY D 80 14.90 -21.91 -17.71
CA GLY D 80 14.39 -22.05 -19.06
C GLY D 80 13.87 -20.71 -19.55
N PRO D 81 13.34 -20.71 -20.77
CA PRO D 81 12.88 -19.45 -21.38
C PRO D 81 11.57 -18.98 -20.78
N TRP D 82 11.33 -17.67 -20.95
CA TRP D 82 10.09 -17.03 -20.51
C TRP D 82 8.88 -17.75 -21.13
N LYS D 83 7.94 -18.19 -20.29
CA LYS D 83 6.81 -19.00 -20.71
C LYS D 83 5.49 -18.24 -20.77
N LEU D 84 5.41 -17.07 -20.14
CA LEU D 84 4.12 -16.40 -19.95
C LEU D 84 3.85 -15.51 -21.16
N ASP D 85 2.78 -15.77 -21.91
CA ASP D 85 2.52 -14.94 -23.08
C ASP D 85 1.09 -14.43 -23.21
N ALA D 86 0.24 -14.65 -22.23
CA ALA D 86 -1.10 -14.06 -22.23
C ALA D 86 -0.99 -12.54 -22.12
N ALA D 87 -1.91 -11.83 -22.79
CA ALA D 87 -1.93 -10.37 -22.74
C ALA D 87 -3.26 -9.85 -22.24
N TRP D 88 -3.21 -8.73 -21.53
CA TRP D 88 -4.43 -8.00 -21.20
C TRP D 88 -5.17 -7.68 -22.49
N ASP D 89 -6.48 -7.94 -22.50
CA ASP D 89 -7.28 -7.72 -23.70
C ASP D 89 -7.66 -6.25 -23.92
N GLY D 90 -7.26 -5.35 -23.02
CA GLY D 90 -7.52 -3.93 -23.12
C GLY D 90 -8.91 -3.51 -22.69
N LEU D 91 -9.73 -4.43 -22.27
CA LEU D 91 -11.15 -4.20 -22.01
C LEU D 91 -11.61 -4.71 -20.66
N SER D 92 -11.10 -5.86 -20.21
CA SER D 92 -11.67 -6.54 -19.06
C SER D 92 -10.92 -6.22 -17.78
N GLU D 93 -11.61 -6.43 -16.67
CA GLU D 93 -10.98 -6.36 -15.37
C GLU D 93 -10.01 -7.52 -15.21
N VAL D 94 -9.03 -7.30 -14.36
CA VAL D 94 -7.95 -8.24 -14.10
C VAL D 94 -7.84 -8.43 -12.59
N GLN D 95 -7.05 -9.40 -12.17
CA GLN D 95 -6.79 -9.59 -10.73
C GLN D 95 -5.28 -9.59 -10.46
N LEU D 96 -4.86 -8.77 -9.52
CA LEU D 96 -3.55 -8.89 -8.92
C LEU D 96 -3.59 -9.97 -7.86
N LEU D 97 -2.75 -11.00 -7.99
CA LEU D 97 -2.56 -11.99 -6.94
C LEU D 97 -1.41 -11.47 -6.09
N ALA D 98 -1.76 -10.54 -5.20
CA ALA D 98 -0.76 -9.87 -4.38
C ALA D 98 -0.20 -10.82 -3.30
N VAL D 99 1.12 -10.87 -3.19
CA VAL D 99 1.80 -11.66 -2.17
C VAL D 99 2.64 -10.71 -1.33
N PRO D 100 2.02 -9.94 -0.44
CA PRO D 100 2.77 -8.97 0.33
C PRO D 100 3.64 -9.64 1.38
N PRO D 101 4.79 -9.06 1.69
CA PRO D 101 5.60 -9.64 2.78
C PRO D 101 4.79 -9.75 4.06
N GLY D 102 4.90 -10.91 4.71
CA GLY D 102 4.25 -11.16 5.98
C GLY D 102 2.75 -11.37 5.94
N GLU D 103 2.16 -11.46 4.76
CA GLU D 103 0.71 -11.62 4.62
C GLU D 103 0.38 -12.73 3.63
N ARG D 104 -0.74 -13.38 3.88
CA ARG D 104 -1.24 -14.40 2.96
C ARG D 104 -1.55 -13.80 1.60
N ALA D 105 -1.29 -14.57 0.56
CA ALA D 105 -1.66 -14.17 -0.80
C ALA D 105 -3.14 -13.85 -0.91
N LYS D 106 -3.45 -12.81 -1.67
CA LYS D 106 -4.85 -12.38 -1.82
C LYS D 106 -5.08 -11.80 -3.20
N ASN D 107 -6.29 -12.00 -3.71
CA ASN D 107 -6.67 -11.50 -5.04
C ASN D 107 -7.38 -10.16 -4.93
N ILE D 108 -6.95 -9.21 -5.75
CA ILE D 108 -7.52 -7.88 -5.83
C ILE D 108 -7.88 -7.62 -7.29
N GLN D 109 -9.16 -7.31 -7.52
CA GLN D 109 -9.70 -7.11 -8.84
C GLN D 109 -9.70 -5.62 -9.16
N THR D 110 -9.39 -5.28 -10.43
CA THR D 110 -9.30 -3.88 -10.83
C THR D 110 -9.47 -3.79 -12.34
N LEU D 111 -9.86 -2.60 -12.82
CA LEU D 111 -9.74 -2.29 -14.25
C LEU D 111 -8.45 -1.53 -14.49
N PRO D 112 -7.51 -2.06 -15.27
CA PRO D 112 -6.29 -1.30 -15.54
C PRO D 112 -6.56 0.05 -16.22
N GLY D 113 -5.71 1.00 -15.87
CA GLY D 113 -5.45 2.19 -16.68
C GLY D 113 -4.36 1.91 -17.68
N ILE D 114 -3.72 2.98 -18.15
CA ILE D 114 -2.82 2.91 -19.30
C ILE D 114 -1.59 3.75 -19.03
N PHE D 115 -0.40 3.18 -19.28
CA PHE D 115 0.82 3.95 -19.46
C PHE D 115 0.97 4.27 -20.95
N LYS D 116 0.99 5.55 -21.31
CA LYS D 116 1.15 5.96 -22.69
C LYS D 116 2.60 6.38 -22.87
N THR D 117 3.31 5.70 -23.76
CA THR D 117 4.71 5.97 -24.02
C THR D 117 4.92 6.22 -25.51
N LYS D 118 6.07 6.83 -25.82
CA LYS D 118 6.41 7.11 -27.20
C LYS D 118 6.39 5.85 -28.07
N ASP D 119 6.48 4.67 -27.47
CA ASP D 119 6.53 3.41 -28.21
C ASP D 119 5.24 2.61 -28.07
N GLY D 120 4.16 3.21 -27.60
CA GLY D 120 2.88 2.55 -27.50
C GLY D 120 2.38 2.48 -26.08
N ASP D 121 1.20 1.89 -25.93
CA ASP D 121 0.50 1.86 -24.66
C ASP D 121 0.70 0.52 -23.96
N ILE D 122 0.78 0.58 -22.63
CA ILE D 122 0.90 -0.58 -21.74
C ILE D 122 -0.20 -0.46 -20.71
N GLY D 123 -0.89 -1.56 -20.41
CA GLY D 123 -1.79 -1.58 -19.27
C GLY D 123 -1.07 -1.35 -17.95
N ALA D 124 -1.78 -0.78 -16.99
CA ALA D 124 -1.19 -0.43 -15.71
C ALA D 124 -2.25 -0.53 -14.61
N VAL D 125 -1.86 -1.00 -13.43
CA VAL D 125 -2.79 -1.19 -12.34
C VAL D 125 -2.51 -0.19 -11.22
N ALA D 126 -3.55 0.49 -10.76
CA ALA D 126 -3.44 1.49 -9.68
C ALA D 126 -3.75 0.82 -8.35
N LEU D 127 -2.78 -0.01 -7.93
CA LEU D 127 -2.80 -0.80 -6.71
C LEU D 127 -1.45 -0.60 -6.03
N ASP D 128 -1.48 -0.28 -4.72
CA ASP D 128 -0.31 0.18 -3.98
C ASP D 128 0.07 -0.81 -2.89
N TYR D 129 1.16 -1.57 -3.13
CA TYR D 129 1.72 -2.59 -2.25
C TYR D 129 3.19 -2.33 -2.00
N PRO D 130 3.73 -2.82 -0.90
CA PRO D 130 5.16 -2.64 -0.63
C PRO D 130 6.06 -3.26 -1.69
N ALA D 131 7.29 -2.75 -1.69
CA ALA D 131 8.30 -3.15 -2.67
C ALA D 131 8.51 -4.66 -2.76
N GLY D 132 8.48 -5.37 -1.63
CA GLY D 132 8.66 -6.83 -1.67
C GLY D 132 7.52 -7.62 -2.28
N THR D 133 6.43 -6.94 -2.71
CA THR D 133 5.35 -7.53 -3.49
C THR D 133 5.71 -7.63 -4.97
N SER D 134 6.80 -6.97 -5.37
CA SER D 134 7.23 -7.01 -6.76
C SER D 134 7.42 -8.43 -7.27
N GLY D 135 6.90 -8.69 -8.46
CA GLY D 135 6.88 -10.01 -9.04
C GLY D 135 5.58 -10.73 -8.88
N SER D 136 4.64 -10.17 -8.12
CA SER D 136 3.32 -10.79 -7.99
C SER D 136 2.60 -10.81 -9.33
N PRO D 137 1.91 -11.90 -9.69
CA PRO D 137 1.28 -12.00 -11.01
C PRO D 137 -0.06 -11.28 -11.08
N ILE D 138 -0.30 -10.73 -12.26
CA ILE D 138 -1.59 -10.18 -12.68
C ILE D 138 -2.26 -11.17 -13.63
N LEU D 139 -3.56 -11.43 -13.42
CA LEU D 139 -4.25 -12.53 -14.07
C LEU D 139 -5.44 -12.05 -14.88
N ASP D 140 -5.74 -12.77 -15.96
CA ASP D 140 -6.99 -12.58 -16.68
C ASP D 140 -8.05 -13.54 -16.12
N LYS D 141 -9.29 -13.43 -16.65
CA LYS D 141 -10.40 -14.20 -16.08
C LYS D 141 -10.20 -15.71 -16.21
N SER D 142 -9.37 -16.19 -17.13
CA SER D 142 -9.11 -17.62 -17.22
C SER D 142 -7.96 -18.08 -16.34
N GLY D 143 -7.45 -17.20 -15.48
CA GLY D 143 -6.37 -17.57 -14.60
C GLY D 143 -4.98 -17.48 -15.19
N ARG D 144 -4.84 -16.97 -16.42
CA ARG D 144 -3.53 -16.88 -17.05
C ARG D 144 -2.81 -15.62 -16.61
N VAL D 145 -1.49 -15.74 -16.50
CA VAL D 145 -0.66 -14.63 -16.06
C VAL D 145 -0.42 -13.70 -17.25
N ILE D 146 -0.97 -12.49 -17.16
CA ILE D 146 -0.81 -11.48 -18.22
C ILE D 146 0.35 -10.52 -17.94
N GLY D 147 1.06 -10.67 -16.83
CA GLY D 147 2.21 -9.85 -16.52
C GLY D 147 2.50 -9.86 -15.03
N LEU D 148 3.60 -9.19 -14.66
CA LEU D 148 4.04 -9.10 -13.27
C LEU D 148 3.99 -7.65 -12.80
N TYR D 149 3.66 -7.50 -11.50
CA TYR D 149 3.47 -6.23 -10.80
C TYR D 149 4.78 -5.78 -10.17
N GLY D 150 5.06 -4.48 -10.25
CA GLY D 150 6.15 -3.96 -9.47
C GLY D 150 7.13 -3.00 -10.13
N ASN D 151 6.98 -2.70 -11.42
CA ASN D 151 7.75 -1.65 -12.09
C ASN D 151 6.77 -0.58 -12.52
N GLY D 152 6.89 0.60 -11.95
CA GLY D 152 5.89 1.63 -12.13
C GLY D 152 6.36 2.99 -11.71
N VAL D 153 5.42 3.81 -11.26
CA VAL D 153 5.65 5.21 -10.92
C VAL D 153 4.86 5.61 -9.68
N VAL D 154 5.41 6.59 -8.95
CA VAL D 154 4.72 7.29 -7.85
C VAL D 154 4.10 8.56 -8.40
N ILE D 155 2.81 8.77 -8.11
CA ILE D 155 2.15 9.94 -8.68
C ILE D 155 1.99 11.01 -7.59
N LYS D 156 1.34 12.11 -7.94
CA LYS D 156 1.48 13.35 -7.17
C LYS D 156 0.88 13.22 -5.78
N ASN D 157 -0.12 12.36 -5.60
CA ASN D 157 -0.80 12.25 -4.33
C ASN D 157 -0.16 11.20 -3.43
N GLY D 158 0.99 10.64 -3.86
CA GLY D 158 1.78 9.71 -3.07
C GLY D 158 1.50 8.26 -3.37
N SER D 159 0.45 7.96 -4.14
CA SER D 159 0.13 6.58 -4.46
C SER D 159 1.03 6.05 -5.58
N TYR D 160 0.84 4.77 -5.89
CA TYR D 160 1.72 4.03 -6.79
C TYR D 160 0.90 3.39 -7.90
N VAL D 161 1.42 3.43 -9.13
CA VAL D 161 0.78 2.79 -10.27
C VAL D 161 1.81 1.89 -10.94
N SER D 162 1.46 0.62 -11.15
CA SER D 162 2.39 -0.37 -11.70
C SER D 162 2.06 -0.67 -13.15
N ALA D 163 3.09 -0.73 -14.01
CA ALA D 163 2.87 -1.34 -15.33
C ALA D 163 2.48 -2.82 -15.17
N ILE D 164 1.70 -3.33 -16.11
CA ILE D 164 1.52 -4.77 -16.31
C ILE D 164 2.66 -5.22 -17.22
N THR D 165 3.75 -5.76 -16.62
CA THR D 165 4.97 -6.05 -17.38
C THR D 165 4.95 -7.51 -17.82
N GLN D 166 4.95 -7.75 -19.14
CA GLN D 166 4.90 -9.08 -19.72
C GLN D 166 6.09 -9.28 -20.64
N GLY D 167 6.61 -10.52 -20.64
CA GLY D 167 7.69 -10.94 -21.51
C GLY D 167 7.18 -11.51 -22.82
N LYS D 168 8.10 -12.12 -23.56
CA LYS D 168 7.81 -12.72 -24.85
C LYS D 168 8.11 -14.21 -24.74
N ARG D 169 7.18 -15.03 -25.21
CA ARG D 169 7.43 -16.44 -25.35
C ARG D 169 8.02 -16.67 -26.73
N GLU D 170 9.18 -17.32 -26.78
CA GLU D 170 9.90 -17.52 -28.03
C GLU D 170 9.20 -18.57 -28.91
#